data_3TKB
#
_entry.id   3TKB
#
_cell.length_a   42.530
_cell.length_b   39.710
_cell.length_c   66.730
_cell.angle_alpha   90.000
_cell.angle_beta   97.910
_cell.angle_gamma   90.000
#
_symmetry.space_group_name_H-M   'P 1 21 1'
#
loop_
_entity.id
_entity.type
_entity.pdbx_description
1 polymer 'Uracil-DNA glycosylase'
2 non-polymer IMIDAZOLE
3 water water
#
_entity_poly.entity_id   1
_entity_poly.type   'polypeptide(L)'
_entity_poly.pdbx_seq_one_letter_code
;MEFFGESWKKHLSGEFGKPYFIKLMGFVAEERKHYTVYPPPHQVFTWTQMCDIKDVKVVILGQDPYHGPNQAHGLCFSVQ
RPVPPPPSLENIYKELSTDIEGFVHPGHGDLSGWAKQGVLLLNAVLTVRAHQANSHKERGWEQFTDAVVSWLNQNSNGLV
FLLWGSYAQKKGSAIDRKRHHVLQTAHPSPLSVYRGFFGCRHFSKTNELLQKSGKKPIDWREL
;
_entity_poly.pdbx_strand_id   A
#
# COMPACT_ATOMS: atom_id res chain seq x y z
N MET A 1 -0.90 -13.03 17.46
CA MET A 1 -0.48 -12.04 16.41
C MET A 1 -0.29 -10.60 16.92
N GLU A 2 0.94 -10.29 17.30
CA GLU A 2 1.25 -8.96 17.80
C GLU A 2 1.26 -7.87 16.72
N PHE A 3 1.03 -6.63 17.15
CA PHE A 3 1.11 -5.42 16.30
C PHE A 3 0.21 -5.48 15.05
N PHE A 4 -0.93 -6.16 15.19
CA PHE A 4 -1.88 -6.35 14.07
C PHE A 4 -3.22 -5.77 14.52
N GLY A 5 -3.68 -4.68 13.89
CA GLY A 5 -4.89 -3.98 14.33
C GLY A 5 -6.10 -4.88 14.52
N GLU A 6 -6.86 -4.64 15.60
CA GLU A 6 -7.97 -5.52 15.93
C GLU A 6 -9.08 -5.63 14.87
N SER A 7 -9.45 -4.51 14.21
CA SER A 7 -10.51 -4.59 13.22
C SER A 7 -10.06 -5.44 12.02
N TRP A 8 -8.77 -5.40 11.72
CA TRP A 8 -8.25 -6.23 10.62
C TRP A 8 -8.17 -7.68 11.06
N LYS A 9 -7.71 -7.89 12.29
CA LYS A 9 -7.59 -9.25 12.85
C LYS A 9 -8.92 -9.99 12.84
N LYS A 10 -9.98 -9.26 13.17
CA LYS A 10 -11.31 -9.84 13.21
C LYS A 10 -11.67 -10.49 11.87
N HIS A 11 -11.26 -9.86 10.77
CA HIS A 11 -11.71 -10.32 9.47
C HIS A 11 -10.72 -11.20 8.73
N LEU A 12 -9.44 -11.13 9.14
CA LEU A 12 -8.40 -11.82 8.38
C LEU A 12 -7.72 -12.95 9.15
N SER A 13 -8.03 -13.10 10.43
CA SER A 13 -7.30 -14.08 11.26
C SER A 13 -7.53 -15.55 10.82
N GLY A 14 -8.56 -15.80 10.02
CA GLY A 14 -8.79 -17.10 9.37
C GLY A 14 -7.62 -17.53 8.50
N GLU A 15 -6.83 -16.56 8.05
CA GLU A 15 -5.62 -16.91 7.30
C GLU A 15 -4.52 -17.55 8.17
N PHE A 16 -4.49 -17.18 9.44
CA PHE A 16 -3.30 -17.42 10.29
C PHE A 16 -3.02 -18.90 10.53
N GLY A 17 -4.05 -19.72 10.50
CA GLY A 17 -3.92 -21.19 10.69
C GLY A 17 -3.78 -22.00 9.41
N LYS A 18 -3.82 -21.33 8.25
CA LYS A 18 -3.72 -22.06 7.01
C LYS A 18 -2.26 -22.53 6.80
N PRO A 19 -2.09 -23.71 6.16
CA PRO A 19 -0.70 -24.22 5.99
C PRO A 19 0.26 -23.18 5.38
N TYR A 20 -0.18 -22.42 4.37
CA TYR A 20 0.74 -21.49 3.69
C TYR A 20 1.20 -20.40 4.66
N PHE A 21 0.33 -20.00 5.60
CA PHE A 21 0.66 -18.89 6.49
C PHE A 21 1.61 -19.35 7.60
N ILE A 22 1.35 -20.54 8.11
CA ILE A 22 2.24 -21.15 9.09
C ILE A 22 3.64 -21.32 8.47
N LYS A 23 3.70 -21.80 7.23
CA LYS A 23 4.99 -21.95 6.56
C LYS A 23 5.69 -20.59 6.43
N LEU A 24 4.92 -19.59 6.01
CA LEU A 24 5.44 -18.22 5.88
C LEU A 24 6.02 -17.70 7.19
N MET A 25 5.27 -17.81 8.29
CA MET A 25 5.72 -17.27 9.57
C MET A 25 7.01 -17.96 9.98
N GLY A 26 7.04 -19.28 9.78
CA GLY A 26 8.25 -20.06 10.09
C GLY A 26 9.47 -19.57 9.32
N PHE A 27 9.27 -19.29 8.04
CA PHE A 27 10.34 -18.79 7.17
C PHE A 27 10.84 -17.44 7.65
N VAL A 28 9.89 -16.52 7.89
CA VAL A 28 10.29 -15.17 8.34
C VAL A 28 11.05 -15.21 9.67
N ALA A 29 10.60 -16.08 10.56
CA ALA A 29 11.21 -16.21 11.89
C ALA A 29 12.63 -16.80 11.73
N GLU A 30 12.81 -17.75 10.81
CA GLU A 30 14.14 -18.32 10.62
C GLU A 30 15.05 -17.24 10.01
N GLU A 31 14.52 -16.44 9.09
CA GLU A 31 15.27 -15.31 8.57
C GLU A 31 15.68 -14.30 9.68
N ARG A 32 14.75 -13.95 10.55
CA ARG A 32 15.07 -12.99 11.62
C ARG A 32 16.11 -13.55 12.62
N LYS A 33 16.18 -14.88 12.72
CA LYS A 33 17.05 -15.52 13.71
C LYS A 33 18.48 -15.26 13.33
N HIS A 34 18.71 -15.13 12.03
CA HIS A 34 20.06 -15.07 11.52
C HIS A 34 20.40 -13.79 10.82
N TYR A 35 19.38 -12.97 10.48
CA TYR A 35 19.60 -11.80 9.67
C TYR A 35 18.72 -10.67 10.13
N THR A 36 19.03 -9.46 9.68
N THR A 36 19.03 -9.47 9.64
CA THR A 36 18.10 -8.34 9.86
CA THR A 36 18.15 -8.32 9.81
C THR A 36 17.11 -8.36 8.68
C THR A 36 17.12 -8.34 8.67
N VAL A 37 15.83 -8.34 9.03
CA VAL A 37 14.77 -8.39 8.03
C VAL A 37 13.98 -7.08 8.20
N TYR A 38 13.61 -6.46 7.08
CA TYR A 38 12.81 -5.21 7.15
C TYR A 38 11.40 -5.48 6.68
N PRO A 39 10.45 -4.68 7.16
CA PRO A 39 10.62 -3.75 8.27
C PRO A 39 10.80 -4.53 9.58
N PRO A 40 11.11 -3.81 10.67
CA PRO A 40 11.15 -4.44 11.98
C PRO A 40 9.80 -5.11 12.33
N PRO A 41 9.77 -6.06 13.26
CA PRO A 41 8.56 -6.82 13.55
C PRO A 41 7.35 -5.97 13.86
N HIS A 42 7.55 -4.87 14.60
CA HIS A 42 6.41 -4.07 15.05
C HIS A 42 5.80 -3.23 13.91
N GLN A 43 6.46 -3.23 12.75
CA GLN A 43 6.02 -2.44 11.59
C GLN A 43 5.60 -3.28 10.38
N VAL A 44 5.65 -4.60 10.49
CA VAL A 44 5.20 -5.43 9.37
C VAL A 44 3.73 -5.13 8.97
N PHE A 45 2.91 -4.82 9.97
CA PHE A 45 1.49 -4.61 9.74
C PHE A 45 1.08 -3.19 10.07
N THR A 46 1.96 -2.22 9.82
CA THR A 46 1.59 -0.78 10.06
C THR A 46 0.27 -0.42 9.38
N TRP A 47 0.09 -0.99 8.19
CA TRP A 47 -1.12 -0.76 7.39
C TRP A 47 -2.40 -1.20 8.07
N THR A 48 -2.32 -2.03 9.13
CA THR A 48 -3.48 -2.41 9.95
C THR A 48 -3.68 -1.54 11.18
N GLN A 49 -2.71 -0.66 11.45
N GLN A 49 -2.71 -0.67 11.45
CA GLN A 49 -2.69 0.13 12.68
CA GLN A 49 -2.62 0.13 12.67
C GLN A 49 -3.20 1.55 12.47
C GLN A 49 -3.00 1.59 12.48
N MET A 50 -3.18 2.02 11.22
CA MET A 50 -3.42 3.44 10.96
C MET A 50 -4.90 3.84 10.85
N CYS A 51 -5.73 2.88 10.50
CA CYS A 51 -7.15 3.13 10.40
C CYS A 51 -7.89 1.80 10.52
N ASP A 52 -9.19 1.88 10.79
N ASP A 52 -9.17 1.86 10.82
CA ASP A 52 -10.08 0.72 10.85
CA ASP A 52 -9.94 0.62 10.90
C ASP A 52 -10.22 0.10 9.46
C ASP A 52 -10.23 0.10 9.49
N ILE A 53 -10.35 -1.22 9.38
CA ILE A 53 -10.52 -1.87 8.05
C ILE A 53 -11.75 -1.31 7.33
N LYS A 54 -12.82 -0.99 8.04
CA LYS A 54 -14.02 -0.48 7.36
C LYS A 54 -13.93 0.97 6.97
N ASP A 55 -12.85 1.64 7.40
CA ASP A 55 -12.64 3.03 7.03
C ASP A 55 -11.71 3.18 5.82
N VAL A 56 -11.22 2.04 5.28
CA VAL A 56 -10.40 2.11 4.06
C VAL A 56 -11.27 2.62 2.92
N LYS A 57 -10.75 3.62 2.21
CA LYS A 57 -11.45 4.25 1.09
C LYS A 57 -10.68 4.10 -0.23
N VAL A 58 -9.34 4.05 -0.14
CA VAL A 58 -8.46 4.08 -1.32
C VAL A 58 -7.41 3.02 -1.07
N VAL A 59 -7.04 2.28 -2.12
CA VAL A 59 -6.07 1.21 -1.97
C VAL A 59 -5.00 1.41 -3.02
N ILE A 60 -3.74 1.54 -2.57
CA ILE A 60 -2.60 1.64 -3.48
C ILE A 60 -1.76 0.39 -3.27
N LEU A 61 -1.61 -0.42 -4.34
CA LEU A 61 -0.91 -1.69 -4.22
C LEU A 61 0.53 -1.53 -4.65
N GLY A 62 1.44 -2.04 -3.83
CA GLY A 62 2.85 -2.09 -4.17
C GLY A 62 3.35 -3.53 -4.25
N GLN A 63 4.68 -3.68 -4.35
CA GLN A 63 5.28 -4.97 -4.60
C GLN A 63 6.09 -5.39 -3.40
N ASP A 64 7.37 -5.06 -3.37
CA ASP A 64 8.28 -5.44 -2.29
C ASP A 64 8.52 -4.26 -1.33
N PRO A 65 8.85 -4.55 -0.05
CA PRO A 65 9.28 -3.41 0.79
C PRO A 65 10.65 -2.92 0.38
N TYR A 66 10.92 -1.64 0.66
CA TYR A 66 12.28 -1.13 0.53
C TYR A 66 13.25 -2.00 1.33
N HIS A 67 14.46 -2.19 0.78
CA HIS A 67 15.39 -3.12 1.39
C HIS A 67 16.61 -2.41 1.99
N GLY A 68 16.60 -1.09 1.98
CA GLY A 68 17.69 -0.32 2.61
C GLY A 68 17.42 0.01 4.06
N PRO A 69 18.47 0.21 4.86
CA PRO A 69 18.30 0.51 6.28
C PRO A 69 17.31 1.67 6.52
N ASN A 70 16.43 1.46 7.49
CA ASN A 70 15.43 2.44 7.94
C ASN A 70 14.38 2.87 6.93
N GLN A 71 14.38 2.28 5.73
CA GLN A 71 13.42 2.72 4.71
C GLN A 71 12.03 2.15 4.92
N ALA A 72 11.90 0.81 4.91
CA ALA A 72 10.56 0.20 5.06
C ALA A 72 9.99 0.39 6.43
N HIS A 73 8.73 0.77 6.49
CA HIS A 73 8.03 0.83 7.77
C HIS A 73 6.60 0.30 7.74
N GLY A 74 6.27 -0.51 6.74
CA GLY A 74 4.97 -1.18 6.69
C GLY A 74 3.91 -0.54 5.81
N LEU A 75 4.26 0.55 5.14
CA LEU A 75 3.36 1.24 4.20
C LEU A 75 4.08 1.33 2.86
N CYS A 76 3.41 0.91 1.79
CA CYS A 76 4.08 1.06 0.49
C CYS A 76 4.42 2.54 0.17
N PHE A 77 5.56 2.73 -0.53
CA PHE A 77 6.08 4.02 -0.96
C PHE A 77 6.67 4.91 0.15
N SER A 78 6.19 4.73 1.34
CA SER A 78 6.48 5.68 2.43
C SER A 78 7.83 5.40 3.08
N VAL A 79 8.51 6.48 3.50
CA VAL A 79 9.69 6.36 4.40
C VAL A 79 9.57 7.32 5.60
N GLN A 80 9.93 6.84 6.81
CA GLN A 80 9.85 7.67 8.02
C GLN A 80 11.02 8.67 8.09
N ARG A 81 10.75 9.84 8.65
CA ARG A 81 11.79 10.85 8.88
C ARG A 81 12.96 10.24 9.63
N PRO A 82 14.22 10.61 9.26
CA PRO A 82 14.61 11.59 8.27
C PRO A 82 15.03 10.97 6.91
N VAL A 83 14.53 9.79 6.58
CA VAL A 83 14.96 9.13 5.36
C VAL A 83 14.49 9.93 4.14
N PRO A 84 15.38 10.18 3.18
CA PRO A 84 14.96 10.90 1.96
C PRO A 84 13.91 10.11 1.13
N PRO A 85 12.93 10.81 0.58
CA PRO A 85 11.97 10.15 -0.32
C PRO A 85 12.70 9.45 -1.46
N PRO A 86 12.36 8.20 -1.71
CA PRO A 86 13.01 7.53 -2.87
C PRO A 86 12.46 8.15 -4.19
N PRO A 87 13.10 7.86 -5.33
CA PRO A 87 12.72 8.45 -6.62
C PRO A 87 11.25 8.36 -7.01
N SER A 88 10.64 7.20 -6.79
N SER A 88 10.63 7.20 -6.82
CA SER A 88 9.22 7.02 -7.14
CA SER A 88 9.21 7.07 -7.16
C SER A 88 8.34 7.92 -6.28
C SER A 88 8.38 8.02 -6.29
N LEU A 89 8.71 8.11 -5.00
CA LEU A 89 7.92 9.02 -4.16
C LEU A 89 8.11 10.50 -4.53
N GLU A 90 9.33 10.89 -4.88
CA GLU A 90 9.51 12.24 -5.42
C GLU A 90 8.59 12.44 -6.63
N ASN A 91 8.46 11.43 -7.50
CA ASN A 91 7.56 11.57 -8.63
C ASN A 91 6.07 11.62 -8.28
N ILE A 92 5.69 10.81 -7.27
CA ILE A 92 4.33 10.95 -6.72
C ILE A 92 4.05 12.39 -6.25
N TYR A 93 5.03 12.98 -5.54
CA TYR A 93 4.88 14.36 -5.06
C TYR A 93 4.85 15.37 -6.23
N LYS A 94 5.63 15.09 -7.29
CA LYS A 94 5.53 15.95 -8.48
C LYS A 94 4.14 15.91 -9.10
N GLU A 95 3.54 14.72 -9.22
CA GLU A 95 2.20 14.66 -9.77
C GLU A 95 1.19 15.34 -8.85
N LEU A 96 1.38 15.17 -7.54
CA LEU A 96 0.49 15.90 -6.62
C LEU A 96 0.63 17.40 -6.81
N SER A 97 1.85 17.89 -7.05
CA SER A 97 2.02 19.32 -7.19
C SER A 97 1.21 19.94 -8.32
N THR A 98 1.01 19.18 -9.41
CA THR A 98 0.18 19.72 -10.49
C THR A 98 -1.28 19.32 -10.36
N ASP A 99 -1.59 18.12 -9.80
CA ASP A 99 -2.96 17.63 -9.73
C ASP A 99 -3.75 18.34 -8.64
N ILE A 100 -3.16 18.42 -7.46
CA ILE A 100 -3.80 19.05 -6.31
C ILE A 100 -3.12 20.40 -6.18
N GLU A 101 -3.62 21.37 -6.93
CA GLU A 101 -2.94 22.65 -7.03
C GLU A 101 -2.78 23.32 -5.66
N GLY A 102 -1.54 23.67 -5.32
CA GLY A 102 -1.29 24.25 -4.00
C GLY A 102 -0.59 23.26 -3.08
N PHE A 103 -0.61 21.98 -3.43
CA PHE A 103 0.18 21.01 -2.67
C PHE A 103 1.65 21.38 -2.72
N VAL A 104 2.29 21.38 -1.53
CA VAL A 104 3.69 21.68 -1.37
C VAL A 104 4.39 20.41 -0.87
N HIS A 105 5.53 20.08 -1.47
CA HIS A 105 6.32 18.92 -1.03
C HIS A 105 6.54 19.06 0.50
N PRO A 106 6.19 18.02 1.28
CA PRO A 106 6.24 18.16 2.74
C PRO A 106 7.64 18.11 3.32
N GLY A 107 8.66 17.84 2.50
CA GLY A 107 10.05 17.76 3.06
C GLY A 107 10.36 16.47 3.80
N HIS A 108 9.52 15.45 3.64
CA HIS A 108 9.78 14.11 4.18
C HIS A 108 8.95 13.16 3.33
N GLY A 109 9.15 11.86 3.55
CA GLY A 109 8.49 10.82 2.77
C GLY A 109 7.50 9.99 3.53
N ASP A 110 7.03 10.49 4.68
CA ASP A 110 6.16 9.66 5.54
C ASP A 110 4.69 9.83 5.15
N LEU A 111 4.08 8.74 4.67
CA LEU A 111 2.70 8.82 4.16
C LEU A 111 1.66 8.43 5.21
N SER A 112 2.09 8.35 6.47
CA SER A 112 1.14 8.01 7.56
C SER A 112 -0.13 8.86 7.56
N GLY A 113 0.02 10.14 7.23
CA GLY A 113 -1.15 11.05 7.25
C GLY A 113 -2.21 10.64 6.25
N TRP A 114 -1.81 9.97 5.14
CA TRP A 114 -2.78 9.39 4.22
C TRP A 114 -3.39 8.10 4.79
N ALA A 115 -2.54 7.25 5.37
CA ALA A 115 -3.01 5.99 5.94
C ALA A 115 -4.09 6.26 6.99
N LYS A 116 -3.90 7.28 7.82
CA LYS A 116 -4.90 7.59 8.88
C LYS A 116 -6.26 7.95 8.29
N GLN A 117 -6.26 8.47 7.05
CA GLN A 117 -7.48 8.89 6.36
C GLN A 117 -8.13 7.78 5.56
N GLY A 118 -7.54 6.59 5.61
CA GLY A 118 -8.16 5.47 4.92
C GLY A 118 -7.52 5.19 3.57
N VAL A 119 -6.30 5.68 3.33
CA VAL A 119 -5.56 5.24 2.14
C VAL A 119 -4.73 4.03 2.53
N LEU A 120 -5.12 2.84 2.07
CA LEU A 120 -4.38 1.62 2.36
C LEU A 120 -3.17 1.52 1.43
N LEU A 121 -1.98 1.49 2.04
CA LEU A 121 -0.71 1.48 1.30
C LEU A 121 -0.10 0.09 1.43
N LEU A 122 -0.60 -0.84 0.62
CA LEU A 122 -0.34 -2.26 0.85
C LEU A 122 0.70 -2.83 -0.11
N ASN A 123 1.88 -3.18 0.39
CA ASN A 123 2.82 -3.96 -0.42
C ASN A 123 2.27 -5.38 -0.53
N ALA A 124 2.60 -6.07 -1.63
CA ALA A 124 2.18 -7.47 -1.80
C ALA A 124 3.00 -8.43 -0.97
N VAL A 125 4.29 -8.09 -0.82
CA VAL A 125 5.27 -8.86 -0.03
C VAL A 125 5.63 -7.99 1.18
N LEU A 126 5.50 -8.51 2.39
CA LEU A 126 5.59 -7.62 3.54
C LEU A 126 6.91 -7.59 4.29
N THR A 127 7.83 -8.51 3.97
CA THR A 127 9.17 -8.44 4.58
C THR A 127 10.22 -8.62 3.46
N VAL A 128 11.48 -8.33 3.82
CA VAL A 128 12.60 -8.51 2.86
C VAL A 128 13.87 -8.65 3.72
N ARG A 129 14.78 -9.54 3.32
CA ARG A 129 16.04 -9.59 4.07
C ARG A 129 16.81 -8.33 3.69
N ALA A 130 17.48 -7.78 4.71
CA ALA A 130 18.18 -6.52 4.56
C ALA A 130 19.10 -6.53 3.34
N HIS A 131 18.94 -5.53 2.47
CA HIS A 131 19.84 -5.25 1.36
C HIS A 131 19.61 -6.19 0.18
N GLN A 132 18.68 -7.13 0.33
CA GLN A 132 18.53 -8.19 -0.69
C GLN A 132 17.14 -8.04 -1.34
N ALA A 133 17.06 -7.27 -2.41
CA ALA A 133 15.81 -6.95 -3.09
C ALA A 133 14.98 -8.19 -3.42
N ASN A 134 13.68 -8.17 -3.14
CA ASN A 134 12.77 -9.29 -3.53
C ASN A 134 13.09 -10.63 -2.86
N SER A 135 13.91 -10.60 -1.81
CA SER A 135 14.39 -11.82 -1.18
C SER A 135 13.31 -12.69 -0.52
N HIS A 136 12.19 -12.07 -0.13
CA HIS A 136 11.09 -12.82 0.49
C HIS A 136 9.90 -13.01 -0.42
N LYS A 137 10.10 -12.82 -1.71
CA LYS A 137 9.02 -13.07 -2.69
C LYS A 137 8.65 -14.56 -2.72
N GLU A 138 7.39 -14.85 -3.05
CA GLU A 138 6.95 -16.21 -3.31
C GLU A 138 7.19 -17.16 -2.14
N ARG A 139 6.99 -16.65 -0.92
CA ARG A 139 7.08 -17.42 0.30
C ARG A 139 5.75 -17.51 1.06
N GLY A 140 4.71 -16.88 0.54
CA GLY A 140 3.37 -16.88 1.18
C GLY A 140 2.75 -15.49 1.34
N TRP A 141 3.55 -14.43 1.31
CA TRP A 141 2.94 -13.11 1.53
C TRP A 141 1.90 -12.78 0.46
N GLU A 142 2.20 -13.11 -0.79
CA GLU A 142 1.31 -12.75 -1.88
C GLU A 142 -0.08 -13.31 -1.65
N GLN A 143 -0.15 -14.55 -1.16
CA GLN A 143 -1.48 -15.15 -0.90
C GLN A 143 -2.18 -14.39 0.23
N PHE A 144 -1.41 -14.02 1.24
CA PHE A 144 -2.01 -13.26 2.33
C PHE A 144 -2.55 -11.88 1.88
N THR A 145 -1.74 -11.17 1.11
CA THR A 145 -2.18 -9.84 0.71
C THR A 145 -3.30 -9.97 -0.33
N ASP A 146 -3.30 -11.05 -1.13
CA ASP A 146 -4.48 -11.36 -1.97
C ASP A 146 -5.73 -11.48 -1.09
N ALA A 147 -5.62 -12.09 0.09
CA ALA A 147 -6.79 -12.24 0.97
C ALA A 147 -7.31 -10.88 1.43
N VAL A 148 -6.37 -9.97 1.69
CA VAL A 148 -6.74 -8.62 2.12
C VAL A 148 -7.51 -7.93 0.99
N VAL A 149 -6.95 -7.99 -0.23
CA VAL A 149 -7.61 -7.33 -1.36
C VAL A 149 -8.99 -7.96 -1.58
N SER A 150 -9.07 -9.29 -1.47
N SER A 150 -9.04 -9.28 -1.50
CA SER A 150 -10.34 -9.97 -1.72
CA SER A 150 -10.31 -10.00 -1.66
C SER A 150 -11.40 -9.67 -0.63
C SER A 150 -11.34 -9.51 -0.66
N TRP A 151 -10.96 -9.46 0.60
CA TRP A 151 -11.91 -9.09 1.65
C TRP A 151 -12.49 -7.71 1.32
N LEU A 152 -11.61 -6.78 0.99
CA LEU A 152 -12.09 -5.41 0.73
C LEU A 152 -13.00 -5.44 -0.50
N ASN A 153 -12.58 -6.15 -1.54
CA ASN A 153 -13.38 -6.24 -2.74
C ASN A 153 -14.80 -6.72 -2.44
N GLN A 154 -14.91 -7.71 -1.56
CA GLN A 154 -16.22 -8.36 -1.35
C GLN A 154 -17.07 -7.72 -0.27
N ASN A 155 -16.44 -6.96 0.63
CA ASN A 155 -17.13 -6.43 1.81
C ASN A 155 -17.35 -4.91 1.82
N SER A 156 -16.44 -4.18 1.21
CA SER A 156 -16.51 -2.72 1.20
C SER A 156 -17.31 -2.31 -0.06
N ASN A 157 -17.52 -0.99 -0.20
N ASN A 157 -17.54 -1.01 -0.24
CA ASN A 157 -18.29 -0.43 -1.32
CA ASN A 157 -18.27 -0.55 -1.41
C ASN A 157 -17.67 0.86 -1.81
C ASN A 157 -17.75 0.83 -1.83
N GLY A 158 -17.48 0.99 -3.13
CA GLY A 158 -17.06 2.27 -3.68
C GLY A 158 -15.62 2.67 -3.39
N LEU A 159 -14.77 1.68 -3.12
CA LEU A 159 -13.33 1.96 -2.97
C LEU A 159 -12.73 2.43 -4.27
N VAL A 160 -11.63 3.17 -4.17
CA VAL A 160 -10.84 3.48 -5.37
C VAL A 160 -9.51 2.74 -5.24
N PHE A 161 -9.23 1.88 -6.22
CA PHE A 161 -7.94 1.18 -6.30
C PHE A 161 -7.04 1.91 -7.28
N LEU A 162 -5.81 2.19 -6.86
CA LEU A 162 -4.86 2.88 -7.73
C LEU A 162 -3.79 1.85 -8.07
N LEU A 163 -3.71 1.45 -9.34
CA LEU A 163 -2.83 0.33 -9.75
C LEU A 163 -1.75 0.89 -10.69
N TRP A 164 -0.56 1.05 -10.15
CA TRP A 164 0.54 1.72 -10.84
C TRP A 164 1.59 0.66 -11.18
N GLY A 165 1.71 0.40 -12.47
CA GLY A 165 2.66 -0.63 -12.96
C GLY A 165 2.00 -2.00 -13.13
N SER A 166 2.65 -2.88 -13.90
N SER A 166 2.66 -2.86 -13.90
CA SER A 166 2.01 -4.18 -14.25
CA SER A 166 2.05 -4.15 -14.26
C SER A 166 1.79 -5.12 -13.08
C SER A 166 1.81 -5.10 -13.08
N TYR A 167 2.72 -5.13 -12.12
CA TYR A 167 2.59 -6.02 -10.96
C TYR A 167 1.31 -5.68 -10.19
N ALA A 168 1.13 -4.38 -9.88
CA ALA A 168 -0.08 -3.95 -9.16
C ALA A 168 -1.33 -4.21 -9.98
N GLN A 169 -1.24 -3.96 -11.28
CA GLN A 169 -2.39 -4.21 -12.16
C GLN A 169 -2.79 -5.69 -12.14
N LYS A 170 -1.80 -6.57 -12.16
CA LYS A 170 -2.15 -8.01 -12.09
C LYS A 170 -2.79 -8.35 -10.76
N LYS A 171 -2.25 -7.79 -9.67
CA LYS A 171 -2.80 -8.07 -8.35
C LYS A 171 -4.25 -7.60 -8.20
N GLY A 172 -4.62 -6.56 -8.94
CA GLY A 172 -5.99 -5.99 -8.87
C GLY A 172 -6.86 -6.45 -10.02
N SER A 173 -6.45 -7.49 -10.75
CA SER A 173 -7.14 -7.80 -12.02
C SER A 173 -8.57 -8.31 -11.80
N ALA A 174 -8.87 -8.84 -10.60
CA ALA A 174 -10.22 -9.39 -10.35
C ALA A 174 -11.09 -8.53 -9.43
N ILE A 175 -10.71 -7.27 -9.27
N ILE A 175 -10.73 -7.26 -9.28
CA ILE A 175 -11.57 -6.31 -8.55
CA ILE A 175 -11.58 -6.32 -8.56
C ILE A 175 -12.90 -6.14 -9.30
C ILE A 175 -12.90 -6.12 -9.30
N ASP A 176 -14.00 -6.06 -8.55
CA ASP A 176 -15.33 -5.87 -9.13
C ASP A 176 -15.52 -4.37 -9.43
N ARG A 177 -15.45 -4.02 -10.72
CA ARG A 177 -15.50 -2.62 -11.16
C ARG A 177 -16.92 -2.09 -11.24
N LYS A 178 -17.89 -2.93 -10.94
CA LYS A 178 -19.25 -2.42 -10.74
C LYS A 178 -19.39 -1.93 -9.28
N ARG A 179 -18.63 -2.53 -8.37
CA ARG A 179 -18.73 -2.20 -6.96
C ARG A 179 -17.71 -1.11 -6.57
N HIS A 180 -16.53 -1.17 -7.21
CA HIS A 180 -15.43 -0.27 -6.90
C HIS A 180 -14.89 0.40 -8.15
N HIS A 181 -13.94 1.31 -7.97
CA HIS A 181 -13.36 2.02 -9.09
C HIS A 181 -11.89 1.64 -9.16
N VAL A 182 -11.40 1.43 -10.36
CA VAL A 182 -10.00 1.10 -10.58
C VAL A 182 -9.38 2.09 -11.54
N LEU A 183 -8.30 2.72 -11.11
CA LEU A 183 -7.54 3.65 -11.97
C LEU A 183 -6.16 3.02 -12.18
N GLN A 184 -5.66 3.01 -13.42
CA GLN A 184 -4.41 2.29 -13.74
C GLN A 184 -3.51 3.14 -14.58
N THR A 185 -2.23 3.16 -14.26
CA THR A 185 -1.28 3.78 -15.15
C THR A 185 0.10 3.19 -14.91
N ALA A 186 1.11 3.80 -15.52
CA ALA A 186 2.49 3.40 -15.34
C ALA A 186 2.98 3.59 -13.90
N HIS A 187 4.03 2.87 -13.53
CA HIS A 187 4.64 3.06 -12.23
C HIS A 187 5.34 4.40 -12.16
N PRO A 188 5.32 5.04 -11.00
CA PRO A 188 5.98 6.34 -10.86
C PRO A 188 7.53 6.39 -10.84
N SER A 189 8.18 5.22 -10.88
N SER A 189 8.19 5.23 -10.90
CA SER A 189 9.64 5.19 -10.95
CA SER A 189 9.65 5.24 -10.96
C SER A 189 10.13 5.96 -12.19
C SER A 189 10.14 5.97 -12.21
N PRO A 190 11.33 6.56 -12.12
CA PRO A 190 11.82 7.34 -13.27
C PRO A 190 11.76 6.60 -14.63
N LEU A 191 12.04 5.31 -14.67
CA LEU A 191 12.03 4.61 -15.98
C LEU A 191 10.66 4.49 -16.66
N SER A 192 9.58 4.76 -15.92
CA SER A 192 8.25 4.59 -16.48
C SER A 192 7.38 5.82 -16.26
N VAL A 193 7.88 6.79 -15.48
CA VAL A 193 6.97 7.87 -15.05
C VAL A 193 6.43 8.70 -16.23
N TYR A 194 7.23 8.83 -17.30
CA TYR A 194 6.82 9.59 -18.49
C TYR A 194 5.88 8.79 -19.40
N ARG A 195 5.76 7.50 -19.11
CA ARG A 195 4.90 6.62 -19.90
C ARG A 195 3.51 6.46 -19.31
N GLY A 196 3.02 7.56 -18.69
CA GLY A 196 1.63 7.61 -18.25
C GLY A 196 1.42 8.16 -16.84
N PHE A 197 2.40 8.01 -15.96
CA PHE A 197 2.16 8.45 -14.59
C PHE A 197 1.98 9.96 -14.49
N PHE A 198 2.92 10.76 -15.00
CA PHE A 198 2.68 12.20 -15.02
C PHE A 198 1.45 12.49 -15.85
N GLY A 199 0.59 13.34 -15.29
CA GLY A 199 -0.65 13.69 -15.95
C GLY A 199 -1.83 12.75 -15.64
N CYS A 200 -1.58 11.67 -14.86
CA CYS A 200 -2.66 10.72 -14.59
C CYS A 200 -3.81 11.32 -13.75
N ARG A 201 -3.42 12.31 -12.94
CA ARG A 201 -4.43 13.00 -12.09
C ARG A 201 -5.22 12.02 -11.21
N HIS A 202 -4.53 10.99 -10.72
CA HIS A 202 -5.28 10.02 -9.93
C HIS A 202 -5.75 10.57 -8.60
N PHE A 203 -5.09 11.61 -8.10
CA PHE A 203 -5.43 12.11 -6.74
C PHE A 203 -6.73 12.89 -6.75
N SER A 204 -6.86 13.80 -7.72
CA SER A 204 -8.13 14.52 -7.91
C SER A 204 -9.23 13.57 -8.36
N LYS A 205 -8.92 12.67 -9.30
N LYS A 205 -8.91 12.68 -9.30
N LYS A 205 -8.91 12.69 -9.30
CA LYS A 205 -9.95 11.73 -9.77
CA LYS A 205 -9.93 11.76 -9.78
CA LYS A 205 -9.92 11.78 -9.78
C LYS A 205 -10.46 10.83 -8.65
C LYS A 205 -10.44 10.86 -8.64
C LYS A 205 -10.44 10.88 -8.64
N THR A 206 -9.53 10.38 -7.80
CA THR A 206 -9.93 9.56 -6.66
C THR A 206 -10.98 10.27 -5.84
N ASN A 207 -10.76 11.55 -5.54
CA ASN A 207 -11.70 12.25 -4.66
C ASN A 207 -13.05 12.45 -5.35
N GLU A 208 -13.03 12.71 -6.65
CA GLU A 208 -14.30 12.82 -7.40
C GLU A 208 -15.08 11.50 -7.37
N LEU A 209 -14.37 10.39 -7.50
CA LEU A 209 -15.02 9.09 -7.45
C LEU A 209 -15.50 8.71 -6.03
N LEU A 210 -14.78 9.15 -5.00
CA LEU A 210 -15.18 8.82 -3.64
C LEU A 210 -16.51 9.50 -3.37
N GLN A 211 -16.68 10.67 -3.94
CA GLN A 211 -17.94 11.42 -3.72
C GLN A 211 -19.16 10.64 -4.24
N LYS A 212 -18.97 9.78 -5.26
CA LYS A 212 -20.12 9.05 -5.82
C LYS A 212 -20.78 8.09 -4.82
N SER A 213 -20.03 7.71 -3.79
CA SER A 213 -20.58 6.81 -2.80
C SER A 213 -20.69 7.54 -1.48
N GLY A 214 -20.66 8.86 -1.52
CA GLY A 214 -20.88 9.68 -0.33
C GLY A 214 -19.69 9.80 0.62
N LYS A 215 -18.50 9.41 0.15
CA LYS A 215 -17.33 9.43 0.99
C LYS A 215 -16.62 10.79 0.89
N LYS A 216 -16.20 11.33 2.04
N LYS A 216 -16.17 11.31 2.03
CA LYS A 216 -15.47 12.60 2.03
CA LYS A 216 -15.40 12.55 2.05
C LYS A 216 -14.10 12.39 1.36
C LYS A 216 -14.05 12.38 1.38
N PRO A 217 -13.58 13.43 0.73
CA PRO A 217 -12.35 13.24 -0.05
C PRO A 217 -11.13 13.08 0.87
N ILE A 218 -10.08 12.47 0.33
CA ILE A 218 -8.80 12.43 1.00
C ILE A 218 -8.17 13.82 0.92
N ASP A 219 -7.66 14.26 2.08
CA ASP A 219 -6.92 15.51 2.11
C ASP A 219 -5.45 15.16 1.84
N TRP A 220 -5.09 15.21 0.56
CA TRP A 220 -3.74 14.74 0.15
C TRP A 220 -2.60 15.56 0.80
N ARG A 221 -2.90 16.82 1.17
CA ARG A 221 -1.90 17.68 1.81
C ARG A 221 -1.63 17.28 3.25
N GLU A 222 -2.50 16.45 3.85
CA GLU A 222 -2.32 16.13 5.29
C GLU A 222 -1.28 15.03 5.45
N LEU A 223 -0.03 15.48 5.50
CA LEU A 223 1.15 14.60 5.61
C LEU A 223 2.02 15.16 6.70
#